data_9N2N
#
_entry.id   9N2N
#
_cell.length_a   92.031
_cell.length_b   92.031
_cell.length_c   107.392
_cell.angle_alpha   90.00
_cell.angle_beta   90.00
_cell.angle_gamma   90.00
#
_symmetry.space_group_name_H-M   'I 41 2 2'
#
loop_
_entity.id
_entity.type
_entity.pdbx_description
1 polymer 'Fis family transcriptional regulator'
2 polymer "DNA (5'-D(P*TP*AP*TP*TP*TP*AP*TP*T)-3')"
#
loop_
_entity_poly.entity_id
_entity_poly.type
_entity_poly.pdbx_seq_one_letter_code
_entity_poly.pdbx_strand_id
1 'polypeptide(L)'
;GSHMADGLTRREHDILAFERQWWKFAGVKEEAIKELFSMSATRYYQVLNALVDRPEALAADPMLVKRLRRLRASRQKARA
ARRLGFEVT
;
U,A
2 'polydeoxyribonucleotide' (DA)(DT)(DT)(DA)(DT)(DT)(DA)(DA)(DT)(DT)(DA)(DA)(DT)(DT)(DA)(DA)(DT)(DA)(DA)(DT) E,F
#
loop_
_chem_comp.id
_chem_comp.type
_chem_comp.name
_chem_comp.formula
DA DNA linking 2'-DEOXYADENOSINE-5'-MONOPHOSPHATE 'C10 H14 N5 O6 P'
DT DNA linking THYMIDINE-5'-MONOPHOSPHATE 'C10 H15 N2 O8 P'
#
# COMPACT_ATOMS: atom_id res chain seq x y z
N LEU A 8 -8.05 -24.44 5.18
CA LEU A 8 -9.33 -24.10 4.54
C LEU A 8 -9.11 -23.65 3.11
N THR A 9 -9.51 -24.50 2.16
CA THR A 9 -9.37 -24.15 0.75
C THR A 9 -10.51 -23.29 0.22
N ARG A 10 -11.72 -23.48 0.75
CA ARG A 10 -12.85 -22.60 0.40
C ARG A 10 -12.67 -21.20 0.93
N ARG A 11 -11.74 -20.99 1.87
CA ARG A 11 -11.39 -19.68 2.37
C ARG A 11 -10.04 -19.19 1.85
N GLU A 12 -9.13 -20.10 1.51
CA GLU A 12 -7.88 -19.71 0.87
C GLU A 12 -8.12 -19.19 -0.55
N HIS A 13 -9.12 -19.74 -1.24
CA HIS A 13 -9.49 -19.21 -2.55
C HIS A 13 -9.95 -17.77 -2.45
N ASP A 14 -10.68 -17.43 -1.39
CA ASP A 14 -11.08 -16.05 -1.16
C ASP A 14 -9.87 -15.16 -0.87
N ILE A 15 -8.91 -15.67 -0.10
CA ILE A 15 -7.76 -14.86 0.32
C ILE A 15 -6.91 -14.46 -0.87
N LEU A 16 -6.70 -15.38 -1.81
CA LEU A 16 -5.89 -15.10 -3.00
C LEU A 16 -6.51 -13.97 -3.81
N ALA A 17 -7.84 -13.96 -3.93
CA ALA A 17 -8.53 -12.91 -4.68
C ALA A 17 -8.46 -11.57 -3.95
N PHE A 18 -8.54 -11.60 -2.61
CA PHE A 18 -8.61 -10.36 -1.86
C PHE A 18 -7.36 -9.52 -2.07
N GLU A 19 -6.19 -10.13 -1.95
CA GLU A 19 -4.94 -9.41 -2.20
C GLU A 19 -4.73 -9.15 -3.69
N ARG A 20 -5.34 -9.96 -4.56
CA ARG A 20 -5.20 -9.78 -5.99
C ARG A 20 -5.81 -8.46 -6.46
N GLN A 21 -6.99 -8.12 -5.93
CA GLN A 21 -7.63 -6.86 -6.31
C GLN A 21 -6.87 -5.67 -5.76
N TRP A 22 -6.52 -5.72 -4.46
CA TRP A 22 -5.80 -4.62 -3.84
C TRP A 22 -4.44 -4.40 -4.47
N TRP A 23 -3.92 -5.38 -5.20
CA TRP A 23 -2.76 -5.15 -6.06
C TRP A 23 -3.14 -4.28 -7.25
N LYS A 24 -4.29 -4.56 -7.88
CA LYS A 24 -4.72 -3.76 -9.02
C LYS A 24 -4.99 -2.31 -8.65
N PHE A 25 -5.19 -2.03 -7.37
CA PHE A 25 -5.50 -0.67 -6.94
C PHE A 25 -4.25 0.20 -6.90
N ALA A 26 -3.15 -0.34 -6.36
CA ALA A 26 -1.87 0.36 -6.46
C ALA A 26 -1.52 0.61 -7.91
N GLY A 27 -1.84 -0.33 -8.80
CA GLY A 27 -1.67 -0.08 -10.22
C GLY A 27 -2.51 1.09 -10.71
N VAL A 28 -3.73 1.23 -10.16
CA VAL A 28 -4.54 2.41 -10.49
C VAL A 28 -3.85 3.66 -9.97
N LYS A 29 -3.24 3.58 -8.79
CA LYS A 29 -2.46 4.70 -8.27
C LYS A 29 -1.28 5.00 -9.19
N GLU A 30 -0.56 3.97 -9.64
CA GLU A 30 0.55 4.17 -10.56
C GLU A 30 0.07 4.83 -11.85
N GLU A 31 -1.02 4.33 -12.43
CA GLU A 31 -1.57 4.97 -13.62
C GLU A 31 -2.03 6.38 -13.30
N ALA A 32 -2.69 6.58 -12.16
CA ALA A 32 -3.19 7.90 -11.77
C ALA A 32 -2.04 8.88 -11.57
N ILE A 33 -0.97 8.45 -10.89
CA ILE A 33 0.17 9.33 -10.68
C ILE A 33 0.77 9.75 -12.01
N LYS A 34 0.89 8.79 -12.94
CA LYS A 34 1.48 9.11 -14.24
C LYS A 34 0.62 10.11 -15.02
N GLU A 35 -0.71 9.96 -14.96
CA GLU A 35 -1.59 10.85 -15.70
C GLU A 35 -2.04 12.06 -14.89
N LEU A 36 -1.64 12.18 -13.63
CA LEU A 36 -1.97 13.35 -12.83
C LEU A 36 -0.78 14.29 -12.64
N PHE A 37 0.44 13.81 -12.83
CA PHE A 37 1.62 14.60 -12.57
C PHE A 37 2.64 14.56 -13.69
N SER A 38 2.39 13.79 -14.75
CA SER A 38 3.34 13.63 -15.86
C SER A 38 4.70 13.19 -15.34
N MET A 39 4.67 12.29 -14.36
CA MET A 39 5.86 11.87 -13.63
C MET A 39 5.94 10.36 -13.59
N SER A 40 7.17 9.85 -13.57
CA SER A 40 7.36 8.43 -13.32
C SER A 40 6.90 8.10 -11.91
N ALA A 41 6.37 6.88 -11.73
CA ALA A 41 5.65 6.54 -10.51
C ALA A 41 6.52 6.58 -9.26
N THR A 42 7.83 6.42 -9.38
CA THR A 42 8.71 6.31 -8.22
C THR A 42 9.36 7.64 -7.84
N ARG A 43 9.64 8.52 -8.81
CA ARG A 43 10.09 9.86 -8.48
C ARG A 43 9.06 10.59 -7.63
N TYR A 44 7.80 10.20 -7.74
CA TYR A 44 6.77 10.65 -6.80
C TYR A 44 7.18 10.36 -5.36
N TYR A 45 7.57 9.11 -5.07
CA TYR A 45 7.92 8.72 -3.72
C TYR A 45 9.28 9.22 -3.28
N GLN A 46 10.17 9.57 -4.22
CA GLN A 46 11.49 10.06 -3.85
C GLN A 46 11.41 11.38 -3.11
N VAL A 47 10.69 12.35 -3.66
CA VAL A 47 10.52 13.64 -3.01
C VAL A 47 9.47 13.60 -1.92
N LEU A 48 8.66 12.55 -1.88
CA LEU A 48 7.54 12.49 -0.94
C LEU A 48 8.03 12.49 0.51
N ASN A 49 8.92 11.55 0.85
CA ASN A 49 9.40 11.48 2.23
C ASN A 49 10.22 12.69 2.62
N ALA A 50 10.77 13.42 1.64
CA ALA A 50 11.49 14.65 1.94
C ALA A 50 10.54 15.75 2.41
N LEU A 51 9.43 15.94 1.69
CA LEU A 51 8.48 16.99 2.06
C LEU A 51 7.75 16.65 3.36
N VAL A 52 7.76 15.39 3.78
CA VAL A 52 7.17 15.03 5.07
C VAL A 52 7.89 15.76 6.20
N ASP A 53 9.22 15.83 6.13
CA ASP A 53 10.02 16.50 7.15
C ASP A 53 10.09 18.00 6.87
N ARG A 54 8.91 18.63 6.84
CA ARG A 54 8.79 20.06 6.66
C ARG A 54 7.60 20.51 7.50
N PRO A 55 7.74 21.59 8.28
CA PRO A 55 6.66 21.94 9.22
C PRO A 55 5.30 22.21 8.57
N GLU A 56 5.27 22.74 7.35
CA GLU A 56 3.99 22.95 6.69
C GLU A 56 3.30 21.65 6.31
N ALA A 57 4.06 20.56 6.12
CA ALA A 57 3.45 19.27 5.85
C ALA A 57 2.71 18.74 7.07
N LEU A 58 3.31 18.86 8.26
CA LEU A 58 2.65 18.44 9.49
C LEU A 58 1.57 19.42 9.96
N ALA A 59 1.48 20.59 9.33
CA ALA A 59 0.41 21.55 9.60
C ALA A 59 -0.75 21.43 8.63
N ALA A 60 -0.49 21.04 7.37
CA ALA A 60 -1.55 20.96 6.38
C ALA A 60 -2.41 19.72 6.57
N ASP A 61 -1.80 18.58 6.91
CA ASP A 61 -2.55 17.35 7.16
C ASP A 61 -1.77 16.53 8.17
N PRO A 62 -2.14 16.59 9.45
CA PRO A 62 -1.29 15.94 10.46
C PRO A 62 -1.27 14.42 10.37
N MET A 63 -2.43 13.75 10.32
CA MET A 63 -2.43 12.29 10.36
C MET A 63 -1.69 11.67 9.17
N LEU A 64 -1.74 12.31 8.00
CA LEU A 64 -1.05 11.78 6.83
C LEU A 64 0.46 11.70 7.07
N VAL A 65 1.09 12.84 7.31
CA VAL A 65 2.53 12.86 7.52
C VAL A 65 2.90 12.10 8.78
N LYS A 66 2.00 12.03 9.76
CA LYS A 66 2.28 11.24 10.96
C LYS A 66 2.46 9.77 10.62
N ARG A 67 1.53 9.21 9.86
CA ARG A 67 1.65 7.80 9.46
C ARG A 67 2.86 7.58 8.57
N LEU A 68 3.12 8.52 7.65
CA LEU A 68 4.21 8.34 6.69
C LEU A 68 5.57 8.48 7.35
N ARG A 69 5.74 9.48 8.22
CA ARG A 69 7.00 9.64 8.93
C ARG A 69 7.26 8.49 9.90
N ARG A 70 6.21 7.77 10.30
CA ARG A 70 6.34 6.65 11.22
C ARG A 70 7.16 5.50 10.63
N LEU A 71 7.32 5.46 9.31
CA LEU A 71 8.09 4.40 8.67
C LEU A 71 9.59 4.57 8.94
N THR B 9 3.65 25.37 -6.09
CA THR B 9 3.39 24.66 -4.85
C THR B 9 2.01 24.02 -4.87
N ARG B 10 1.25 24.27 -5.94
CA ARG B 10 -0.06 23.65 -6.09
C ARG B 10 0.03 22.17 -6.38
N ARG B 11 1.17 21.70 -6.94
CA ARG B 11 1.39 20.27 -7.05
C ARG B 11 1.49 19.63 -5.66
N GLU B 12 2.17 20.30 -4.73
CA GLU B 12 2.21 19.86 -3.35
C GLU B 12 0.81 19.77 -2.75
N HIS B 13 -0.09 20.68 -3.15
CA HIS B 13 -1.45 20.69 -2.63
C HIS B 13 -2.18 19.39 -2.98
N ASP B 14 -2.36 19.14 -4.28
CA ASP B 14 -3.16 18.00 -4.70
C ASP B 14 -2.48 16.67 -4.42
N ILE B 15 -1.15 16.64 -4.26
CA ILE B 15 -0.50 15.41 -3.81
C ILE B 15 -0.99 15.05 -2.42
N LEU B 16 -1.13 16.05 -1.54
CA LEU B 16 -1.62 15.79 -0.19
C LEU B 16 -3.01 15.16 -0.21
N ALA B 17 -3.92 15.71 -1.04
CA ALA B 17 -5.24 15.11 -1.18
C ALA B 17 -5.16 13.73 -1.83
N PHE B 18 -4.20 13.52 -2.74
CA PHE B 18 -4.08 12.24 -3.41
C PHE B 18 -3.72 11.13 -2.41
N GLU B 19 -2.65 11.35 -1.64
CA GLU B 19 -2.30 10.36 -0.63
C GLU B 19 -3.36 10.29 0.46
N ARG B 20 -4.07 11.39 0.72
CA ARG B 20 -5.17 11.35 1.67
C ARG B 20 -6.27 10.41 1.22
N GLN B 21 -6.67 10.49 -0.05
CA GLN B 21 -7.73 9.60 -0.52
C GLN B 21 -7.23 8.15 -0.60
N TRP B 22 -5.95 7.96 -0.92
CA TRP B 22 -5.39 6.61 -0.91
C TRP B 22 -5.01 6.15 0.49
N TRP B 23 -4.86 7.08 1.44
CA TRP B 23 -4.84 6.68 2.84
C TRP B 23 -6.20 6.14 3.26
N LYS B 24 -7.28 6.80 2.83
CA LYS B 24 -8.62 6.30 3.11
C LYS B 24 -8.83 4.92 2.50
N PHE B 25 -8.21 4.67 1.34
CA PHE B 25 -8.27 3.34 0.76
C PHE B 25 -7.56 2.31 1.63
N ALA B 26 -6.39 2.69 2.17
CA ALA B 26 -5.75 1.84 3.16
C ALA B 26 -6.68 1.60 4.33
N GLY B 27 -7.34 2.65 4.81
CA GLY B 27 -8.35 2.47 5.86
C GLY B 27 -9.46 1.54 5.44
N VAL B 28 -9.94 1.68 4.20
CA VAL B 28 -10.93 0.73 3.68
C VAL B 28 -10.35 -0.68 3.66
N LYS B 29 -9.07 -0.79 3.30
CA LYS B 29 -8.41 -2.09 3.32
C LYS B 29 -8.38 -2.68 4.73
N GLU B 30 -8.08 -1.85 5.74
CA GLU B 30 -8.09 -2.31 7.12
C GLU B 30 -9.47 -2.82 7.54
N GLU B 31 -10.51 -2.03 7.24
CA GLU B 31 -11.86 -2.46 7.58
C GLU B 31 -12.25 -3.72 6.82
N ALA B 32 -11.84 -3.81 5.54
CA ALA B 32 -12.08 -5.03 4.78
C ALA B 32 -11.42 -6.23 5.43
N ILE B 33 -10.23 -6.03 5.99
CA ILE B 33 -9.54 -7.11 6.71
C ILE B 33 -10.34 -7.52 7.94
N LYS B 34 -10.84 -6.54 8.71
CA LYS B 34 -11.50 -6.82 9.98
C LYS B 34 -12.87 -7.48 9.82
N GLU B 35 -13.52 -7.31 8.67
CA GLU B 35 -14.89 -7.81 8.50
C GLU B 35 -14.98 -8.95 7.50
N LEU B 36 -13.86 -9.35 6.88
CA LEU B 36 -13.83 -10.52 6.02
C LEU B 36 -13.24 -11.76 6.68
N PHE B 37 -12.31 -11.58 7.62
CA PHE B 37 -11.68 -12.71 8.30
C PHE B 37 -11.72 -12.56 9.81
N SER B 38 -12.46 -11.57 10.32
CA SER B 38 -12.61 -11.33 11.76
C SER B 38 -11.27 -11.19 12.46
N MET B 39 -10.28 -10.65 11.75
CA MET B 39 -8.89 -10.64 12.20
C MET B 39 -8.37 -9.22 12.32
N SER B 40 -7.63 -8.96 13.40
CA SER B 40 -6.93 -7.70 13.51
C SER B 40 -5.83 -7.62 12.44
N ALA B 41 -5.51 -6.39 12.03
CA ALA B 41 -4.51 -6.21 10.98
C ALA B 41 -3.12 -6.62 11.44
N THR B 42 -2.83 -6.51 12.75
CA THR B 42 -1.50 -6.84 13.24
C THR B 42 -1.19 -8.32 13.06
N ARG B 43 -2.09 -9.20 13.54
CA ARG B 43 -1.91 -10.62 13.31
C ARG B 43 -2.10 -10.99 11.84
N TYR B 44 -2.89 -10.19 11.12
CA TYR B 44 -2.99 -10.34 9.67
C TYR B 44 -1.62 -10.19 9.01
N TYR B 45 -0.85 -9.20 9.43
CA TYR B 45 0.51 -9.04 8.94
C TYR B 45 1.49 -9.98 9.63
N GLN B 46 1.13 -10.52 10.80
CA GLN B 46 2.00 -11.50 11.46
C GLN B 46 1.96 -12.85 10.78
N VAL B 47 0.90 -13.15 10.02
CA VAL B 47 0.80 -14.40 9.29
C VAL B 47 1.09 -14.21 7.79
N LEU B 48 0.94 -12.99 7.26
CA LEU B 48 1.19 -12.77 5.84
C LEU B 48 2.63 -13.12 5.47
N ASN B 49 3.59 -12.70 6.31
CA ASN B 49 4.99 -13.06 6.08
C ASN B 49 5.22 -14.56 6.20
N ALA B 50 4.36 -15.27 6.93
CA ALA B 50 4.48 -16.71 7.10
C ALA B 50 3.77 -17.51 6.02
N LEU B 51 3.06 -16.85 5.10
CA LEU B 51 2.36 -17.53 4.03
C LEU B 51 2.91 -17.23 2.64
N VAL B 52 3.38 -16.01 2.39
CA VAL B 52 3.91 -15.67 1.07
C VAL B 52 5.11 -16.54 0.75
N ASP B 53 5.95 -16.80 1.74
CA ASP B 53 7.11 -17.68 1.57
C ASP B 53 6.67 -19.13 1.75
N ARG B 54 5.94 -19.62 0.76
CA ARG B 54 5.50 -21.01 0.70
C ARG B 54 5.57 -21.48 -0.75
N PRO B 55 5.79 -22.79 -0.96
CA PRO B 55 5.79 -23.29 -2.35
C PRO B 55 4.47 -23.10 -3.06
N GLU B 56 3.34 -23.21 -2.35
CA GLU B 56 2.04 -23.03 -2.99
C GLU B 56 1.77 -21.56 -3.29
N ALA B 57 2.23 -20.66 -2.41
CA ALA B 57 2.05 -19.23 -2.65
C ALA B 57 2.79 -18.78 -3.89
N LEU B 58 4.02 -19.26 -4.08
CA LEU B 58 4.78 -18.94 -5.28
C LEU B 58 4.15 -19.55 -6.53
N ALA B 59 3.50 -20.71 -6.39
CA ALA B 59 2.99 -21.43 -7.56
C ALA B 59 1.78 -20.74 -8.15
N ALA B 60 0.90 -20.18 -7.32
CA ALA B 60 -0.36 -19.64 -7.81
C ALA B 60 -0.14 -18.45 -8.72
N ASP B 61 0.69 -17.51 -8.30
CA ASP B 61 0.93 -16.30 -9.07
C ASP B 61 2.42 -15.97 -9.11
N PRO B 62 3.04 -15.92 -10.30
CA PRO B 62 4.48 -15.67 -10.34
C PRO B 62 4.88 -14.25 -9.99
N MET B 63 4.11 -13.24 -10.42
CA MET B 63 4.53 -11.87 -10.17
C MET B 63 4.25 -11.41 -8.75
N LEU B 64 3.20 -11.94 -8.11
CA LEU B 64 2.80 -11.43 -6.80
C LEU B 64 3.85 -11.70 -5.74
N VAL B 65 4.32 -12.95 -5.63
CA VAL B 65 5.30 -13.28 -4.61
C VAL B 65 6.64 -12.63 -4.93
N LYS B 66 7.02 -12.57 -6.20
CA LYS B 66 8.29 -11.98 -6.59
C LYS B 66 8.34 -10.50 -6.20
N ARG B 67 7.25 -9.77 -6.43
CA ARG B 67 7.18 -8.38 -6.00
C ARG B 67 7.25 -8.28 -4.48
N LEU B 68 6.61 -9.21 -3.77
CA LEU B 68 6.56 -9.14 -2.31
C LEU B 68 7.95 -9.34 -1.70
N ARG B 69 8.73 -10.29 -2.23
CA ARG B 69 10.06 -10.54 -1.70
C ARG B 69 11.06 -9.48 -2.13
N ARG B 70 10.96 -9.01 -3.38
CA ARG B 70 11.92 -8.05 -3.91
C ARG B 70 11.81 -6.70 -3.22
N LEU B 71 10.58 -6.21 -3.06
CA LEU B 71 10.38 -4.86 -2.51
C LEU B 71 10.75 -4.80 -1.03
N ARG B 72 10.41 -5.84 -0.26
CA ARG B 72 10.73 -5.84 1.15
C ARG B 72 12.21 -6.11 1.40
N ALA B 73 12.86 -6.84 0.50
CA ALA B 73 14.32 -7.03 0.57
C ALA B 73 15.08 -5.78 0.14
N SER B 74 14.41 -4.81 -0.48
CA SER B 74 15.03 -3.53 -0.84
C SER B 74 14.69 -2.42 0.14
N ARG B 75 13.51 -2.45 0.75
CA ARG B 75 13.12 -1.44 1.72
C ARG B 75 13.80 -1.63 3.07
N GLN B 76 14.13 -2.86 3.43
CA GLN B 76 14.68 -3.16 4.74
C GLN B 76 16.20 -3.31 4.69
#